data_6RCG
#
_entry.id   6RCG
#
_cell.length_a   88.040
_cell.length_b   53.550
_cell.length_c   72.170
_cell.angle_alpha   90.000
_cell.angle_beta   113.450
_cell.angle_gamma   90.000
#
_symmetry.space_group_name_H-M   'C 1 2 1'
#
loop_
_entity.id
_entity.type
_entity.pdbx_description
1 polymer 'Casein kinase I isoform delta'
2 non-polymer 1,2-ETHANEDIOL
3 non-polymer ~{N}-[[6,7-bis(fluoranyl)-1~{H}-benzimidazol-2-yl]methyl]-9-(3-fluorophenyl)-2-morpholin-4-yl-purin-6-amine
4 water water
#
_entity_poly.entity_id   1
_entity_poly.type   'polypeptide(L)'
_entity_poly.pdbx_seq_one_letter_code
;SMMELRVGNRYRLGRKIGSGSFGDIYLGTDIAAGEEVAIKLECVKTKHPQLHIESKIYKMMQGGVGIPTIRWCGAEGDYN
VMVMELLGPSLEDLFNFCSRKFSLKTVLLLADQMISRIEYIHSKNFIHRDVKPDNFLMGLGKKGNLVYIIDFGLAKKYRD
ARTHQHIPYRENKNLTGTARYASINTHLGIEQSRRDDLESLGYVLMYFNLGSLPWQGLKAATKRQKYERISEKKMSTPIE
VLCKGYPSEFATYLNFCRSLRFDDKPDYSYLRQLFRNLFHRQGFSYDYVFDWNMLK
;
_entity_poly.pdbx_strand_id   A
#
loop_
_chem_comp.id
_chem_comp.type
_chem_comp.name
_chem_comp.formula
EDO non-polymer 1,2-ETHANEDIOL 'C2 H6 O2'
K0E non-polymer ~{N}-[[6,7-bis(fluoranyl)-1~{H}-benzimidazol-2-yl]methyl]-9-(3-fluorophenyl)-2-morpholin-4-yl-purin-6-amine 'C23 H19 F3 N8 O'
#
# COMPACT_ATOMS: atom_id res chain seq x y z
N SER A 1 6.26 26.77 13.92
CA SER A 1 7.13 25.83 13.17
C SER A 1 7.17 26.14 11.65
N MET A 2 8.37 26.49 11.18
CA MET A 2 8.64 26.70 9.76
C MET A 2 9.75 25.76 9.38
N MET A 3 9.67 25.21 8.16
CA MET A 3 10.77 24.43 7.61
C MET A 3 11.82 25.37 7.03
N GLU A 4 13.08 25.16 7.39
CA GLU A 4 14.17 25.87 6.69
C GLU A 4 14.22 25.37 5.25
N LEU A 5 15.00 26.07 4.42
CA LEU A 5 15.24 25.62 3.03
C LEU A 5 15.99 24.31 2.97
N ARG A 6 16.76 24.00 4.01
CA ARG A 6 17.51 22.75 4.07
C ARG A 6 17.20 21.99 5.35
N VAL A 7 17.35 20.67 5.24
CA VAL A 7 17.35 19.76 6.39
C VAL A 7 18.84 19.40 6.55
N GLY A 8 19.45 19.98 7.59
CA GLY A 8 20.90 19.94 7.71
C GLY A 8 21.62 20.54 6.49
N ASN A 9 22.83 20.04 6.22
CA ASN A 9 23.60 20.62 5.11
CA ASN A 9 23.68 20.53 5.12
C ASN A 9 23.39 19.90 3.78
N ARG A 10 22.84 18.68 3.79
CA ARG A 10 22.84 17.93 2.56
C ARG A 10 21.55 17.98 1.75
N TYR A 11 20.45 18.36 2.37
CA TYR A 11 19.17 18.17 1.74
C TYR A 11 18.39 19.47 1.66
N ARG A 12 18.06 19.85 0.42
CA ARG A 12 17.07 20.89 0.20
C ARG A 12 15.68 20.30 0.52
N LEU A 13 14.89 21.01 1.33
CA LEU A 13 13.50 20.63 1.62
C LEU A 13 12.56 21.53 0.84
N GLY A 14 11.77 20.88 0.00
CA GLY A 14 10.75 21.49 -0.77
C GLY A 14 9.40 21.35 -0.12
N ARG A 15 8.34 21.39 -0.92
CA ARG A 15 7.03 21.48 -0.37
C ARG A 15 6.55 20.14 0.20
N LYS A 16 5.71 20.27 1.22
CA LYS A 16 5.01 19.13 1.84
C LYS A 16 4.08 18.62 0.79
N ILE A 17 4.16 17.33 0.49
CA ILE A 17 3.24 16.72 -0.46
C ILE A 17 2.23 15.71 0.06
N GLY A 18 2.39 15.28 1.30
CA GLY A 18 1.37 14.45 1.87
C GLY A 18 1.86 13.87 3.16
N SER A 19 1.20 12.82 3.59
CA SER A 19 1.57 12.20 4.84
C SER A 19 1.83 10.69 4.66
N GLY A 20 2.55 10.12 5.60
CA GLY A 20 2.70 8.69 5.67
C GLY A 20 2.41 8.28 7.08
N SER A 21 2.59 7.01 7.38
CA SER A 21 2.49 6.52 8.74
CA SER A 21 2.48 6.53 8.75
C SER A 21 3.47 7.28 9.63
N PHE A 22 2.96 7.99 10.63
CA PHE A 22 3.81 8.62 11.66
C PHE A 22 4.80 9.71 11.17
N GLY A 23 4.40 10.44 10.15
CA GLY A 23 5.31 11.44 9.56
C GLY A 23 4.76 12.13 8.33
N ASP A 24 5.37 13.23 7.96
CA ASP A 24 5.01 13.99 6.80
C ASP A 24 6.02 13.74 5.69
N ILE A 25 5.57 13.82 4.44
CA ILE A 25 6.40 13.59 3.26
C ILE A 25 6.61 14.91 2.49
N TYR A 26 7.84 15.17 2.07
CA TYR A 26 8.25 16.40 1.38
C TYR A 26 8.99 16.04 0.10
N LEU A 27 8.89 16.89 -0.92
CA LEU A 27 9.87 16.88 -1.97
C LEU A 27 11.18 17.47 -1.45
N GLY A 28 12.27 17.04 -2.05
CA GLY A 28 13.57 17.61 -1.69
C GLY A 28 14.63 17.38 -2.74
N THR A 29 15.83 17.92 -2.46
CA THR A 29 17.00 17.68 -3.31
C THR A 29 18.16 17.15 -2.46
N ASP A 30 18.81 16.09 -2.93
CA ASP A 30 20.09 15.67 -2.37
C ASP A 30 21.10 16.63 -3.10
N ILE A 31 21.51 17.62 -2.37
CA ILE A 31 22.34 18.73 -2.96
C ILE A 31 23.70 18.23 -3.39
N ALA A 32 24.34 17.38 -2.59
CA ALA A 32 25.60 16.80 -3.00
C ALA A 32 25.49 15.94 -4.27
N ALA A 33 24.38 15.19 -4.40
CA ALA A 33 24.22 14.29 -5.53
C ALA A 33 23.66 14.96 -6.77
N GLY A 34 23.01 16.12 -6.56
CA GLY A 34 22.28 16.79 -7.63
C GLY A 34 21.09 15.98 -8.12
N GLU A 35 20.37 15.37 -7.17
CA GLU A 35 19.24 14.46 -7.46
C GLU A 35 18.00 14.87 -6.66
N GLU A 36 16.85 14.88 -7.29
CA GLU A 36 15.56 15.09 -6.60
C GLU A 36 15.17 13.79 -5.87
N VAL A 37 14.67 13.97 -4.66
CA VAL A 37 14.30 12.87 -3.73
C VAL A 37 12.95 13.16 -3.03
N ALA A 38 12.43 12.17 -2.25
CA ALA A 38 11.34 12.39 -1.36
C ALA A 38 11.88 12.20 0.06
N ILE A 39 11.38 13.00 0.98
CA ILE A 39 11.88 13.00 2.33
C ILE A 39 10.73 12.82 3.34
N LYS A 40 10.88 11.84 4.22
CA LYS A 40 9.92 11.64 5.30
C LYS A 40 10.53 12.17 6.60
N LEU A 41 9.75 12.94 7.34
CA LEU A 41 10.19 13.54 8.64
C LEU A 41 9.33 13.06 9.81
N GLU A 42 10.00 12.74 10.92
CA GLU A 42 9.37 12.37 12.18
C GLU A 42 9.95 13.31 13.26
N CYS A 43 9.09 13.97 14.02
CA CYS A 43 9.56 14.81 15.13
C CYS A 43 10.15 13.92 16.22
N VAL A 44 11.35 14.27 16.65
CA VAL A 44 12.07 13.47 17.67
C VAL A 44 11.39 13.40 19.04
N LYS A 45 10.49 14.35 19.30
CA LYS A 45 9.80 14.43 20.58
C LYS A 45 8.58 13.52 20.62
N THR A 46 8.32 12.78 19.54
CA THR A 46 7.17 11.89 19.50
C THR A 46 7.32 10.79 20.55
N LYS A 47 6.19 10.33 21.09
CA LYS A 47 6.22 9.37 22.22
C LYS A 47 6.96 8.09 21.86
N HIS A 48 6.66 7.55 20.67
CA HIS A 48 7.25 6.30 20.21
C HIS A 48 7.88 6.46 18.83
N PRO A 49 9.13 6.93 18.80
CA PRO A 49 9.81 7.11 17.50
C PRO A 49 9.87 5.77 16.75
N GLN A 50 9.59 5.80 15.45
CA GLN A 50 9.62 4.59 14.63
C GLN A 50 10.32 4.68 13.27
N LEU A 51 10.72 5.88 12.87
CA LEU A 51 11.25 6.06 11.53
C LEU A 51 12.49 5.24 11.31
N HIS A 52 13.30 5.12 12.36
CA HIS A 52 14.50 4.34 12.21
C HIS A 52 14.17 2.88 11.94
N ILE A 53 13.14 2.37 12.61
CA ILE A 53 12.67 0.97 12.44
C ILE A 53 12.18 0.78 10.98
N GLU A 54 11.37 1.73 10.54
CA GLU A 54 10.84 1.70 9.17
C GLU A 54 11.97 1.67 8.13
N SER A 55 13.00 2.50 8.37
CA SER A 55 14.13 2.57 7.46
C SER A 55 14.89 1.27 7.34
N LYS A 56 14.98 0.55 8.48
CA LYS A 56 15.66 -0.77 8.46
C LYS A 56 14.86 -1.81 7.60
N ILE A 57 13.53 -1.67 7.61
CA ILE A 57 12.67 -2.55 6.82
C ILE A 57 12.88 -2.21 5.35
N TYR A 58 12.88 -0.91 4.99
CA TYR A 58 13.27 -0.56 3.62
C TYR A 58 14.61 -1.14 3.14
N LYS A 59 15.62 -1.05 4.01
CA LYS A 59 16.95 -1.57 3.68
C LYS A 59 16.90 -3.11 3.40
N MET A 60 16.17 -3.81 4.26
CA MET A 60 15.93 -5.27 4.09
C MET A 60 15.20 -5.62 2.79
N MET A 61 14.34 -4.72 2.34
CA MET A 61 13.50 -4.95 1.17
C MET A 61 14.20 -4.61 -0.10
N GLN A 62 15.36 -3.95 0.00
CA GLN A 62 16.02 -3.46 -1.20
C GLN A 62 16.29 -4.56 -2.20
N GLY A 63 16.10 -4.20 -3.47
CA GLY A 63 16.39 -5.09 -4.59
C GLY A 63 15.14 -5.71 -5.20
N GLY A 64 14.02 -5.64 -4.47
CA GLY A 64 12.77 -6.08 -5.00
C GLY A 64 12.23 -5.16 -6.09
N VAL A 65 11.53 -5.76 -7.04
CA VAL A 65 10.90 -5.02 -8.14
C VAL A 65 9.84 -4.11 -7.46
N GLY A 66 9.83 -2.85 -7.85
CA GLY A 66 8.85 -1.89 -7.30
C GLY A 66 9.02 -1.55 -5.82
N ILE A 67 10.24 -1.68 -5.30
CA ILE A 67 10.60 -1.17 -3.96
C ILE A 67 11.48 0.05 -4.14
N PRO A 68 11.06 1.21 -3.59
CA PRO A 68 11.92 2.39 -3.72
C PRO A 68 13.27 2.22 -3.02
N THR A 69 14.30 2.86 -3.54
CA THR A 69 15.61 2.84 -2.91
C THR A 69 15.64 3.81 -1.71
N ILE A 70 16.21 3.36 -0.61
CA ILE A 70 16.48 4.22 0.53
C ILE A 70 17.90 4.78 0.44
N ARG A 71 18.02 6.08 0.60
CA ARG A 71 19.32 6.78 0.47
C ARG A 71 20.03 6.97 1.80
N TRP A 72 19.28 7.41 2.79
CA TRP A 72 19.80 7.68 4.12
C TRP A 72 18.71 7.80 5.12
N CYS A 73 19.00 7.44 6.37
CA CYS A 73 18.16 7.81 7.49
C CYS A 73 19.01 8.21 8.69
N GLY A 74 18.58 9.23 9.37
CA GLY A 74 19.24 9.64 10.59
C GLY A 74 18.57 10.85 11.20
N ALA A 75 19.25 11.53 12.09
CA ALA A 75 18.70 12.63 12.80
C ALA A 75 19.21 13.93 12.21
N GLU A 76 18.37 14.95 12.24
CA GLU A 76 18.80 16.31 12.03
CA GLU A 76 18.79 16.35 11.97
C GLU A 76 17.94 17.28 12.83
N GLY A 77 18.53 17.78 13.88
CA GLY A 77 17.81 18.69 14.76
C GLY A 77 16.58 18.11 15.45
N ASP A 78 15.43 18.72 15.17
CA ASP A 78 14.18 18.32 15.82
C ASP A 78 13.53 17.14 15.10
N TYR A 79 14.18 16.65 14.05
CA TYR A 79 13.61 15.55 13.19
C TYR A 79 14.53 14.37 12.98
N ASN A 80 13.93 13.19 12.93
CA ASN A 80 14.48 12.08 12.25
C ASN A 80 14.05 12.20 10.79
N VAL A 81 14.95 11.76 9.92
CA VAL A 81 14.88 12.04 8.51
C VAL A 81 15.11 10.76 7.73
N MET A 82 14.23 10.46 6.74
CA MET A 82 14.43 9.31 5.88
C MET A 82 14.33 9.76 4.40
N VAL A 83 15.41 9.61 3.63
CA VAL A 83 15.50 10.08 2.29
C VAL A 83 15.36 8.95 1.35
N MET A 84 14.42 9.11 0.39
CA MET A 84 13.99 8.05 -0.50
C MET A 84 14.06 8.49 -1.95
N GLU A 85 14.16 7.50 -2.80
CA GLU A 85 13.93 7.63 -4.22
C GLU A 85 12.60 8.33 -4.53
N LEU A 86 12.64 9.33 -5.42
CA LEU A 86 11.45 10.01 -5.92
C LEU A 86 10.74 9.16 -6.98
N LEU A 87 9.43 9.04 -6.81
CA LEU A 87 8.57 8.27 -7.70
C LEU A 87 7.48 9.19 -8.30
N GLY A 88 6.67 8.54 -9.15
CA GLY A 88 5.53 9.16 -9.78
C GLY A 88 4.29 9.15 -8.87
N PRO A 89 3.14 9.58 -9.43
CA PRO A 89 1.92 9.77 -8.64
C PRO A 89 1.36 8.50 -8.00
N SER A 90 0.67 8.66 -6.90
CA SER A 90 -0.06 7.57 -6.30
C SER A 90 -1.26 7.12 -7.11
N LEU A 91 -1.69 5.90 -6.84
CA LEU A 91 -2.87 5.38 -7.52
C LEU A 91 -4.12 6.15 -7.09
N GLU A 92 -4.16 6.64 -5.85
CA GLU A 92 -5.30 7.51 -5.50
CA GLU A 92 -5.27 7.53 -5.47
C GLU A 92 -5.32 8.82 -6.31
N ASP A 93 -4.15 9.43 -6.47
CA ASP A 93 -4.02 10.63 -7.30
C ASP A 93 -4.46 10.35 -8.72
N LEU A 94 -3.97 9.25 -9.31
CA LEU A 94 -4.31 8.91 -10.67
C LEU A 94 -5.80 8.55 -10.81
N PHE A 95 -6.38 7.88 -9.80
CA PHE A 95 -7.85 7.58 -9.79
C PHE A 95 -8.65 8.86 -9.82
N ASN A 96 -8.25 9.83 -9.01
CA ASN A 96 -8.92 11.13 -9.08
C ASN A 96 -8.79 11.81 -10.40
N PHE A 97 -7.57 11.78 -10.94
CA PHE A 97 -7.33 12.35 -12.22
C PHE A 97 -8.23 11.78 -13.28
N CYS A 98 -8.49 10.47 -13.19
CA CYS A 98 -9.39 9.77 -14.11
C CYS A 98 -10.88 9.83 -13.67
N SER A 99 -11.22 10.81 -12.80
CA SER A 99 -12.61 11.03 -12.34
C SER A 99 -13.18 9.84 -11.63
N ARG A 100 -12.31 9.09 -10.96
CA ARG A 100 -12.74 8.03 -10.13
C ARG A 100 -13.41 6.92 -11.02
N LYS A 101 -12.95 6.81 -12.29
CA LYS A 101 -13.37 5.75 -13.18
C LYS A 101 -12.09 5.12 -13.76
N PHE A 102 -11.85 3.88 -13.42
CA PHE A 102 -10.84 3.08 -14.09
C PHE A 102 -11.50 2.00 -14.93
N SER A 103 -11.02 1.84 -16.13
CA SER A 103 -11.47 0.76 -17.02
C SER A 103 -11.11 -0.62 -16.42
N LEU A 104 -11.87 -1.64 -16.81
CA LEU A 104 -11.53 -3.00 -16.40
C LEU A 104 -10.07 -3.37 -16.79
N LYS A 105 -9.64 -2.96 -17.98
CA LYS A 105 -8.25 -3.23 -18.43
C LYS A 105 -7.25 -2.68 -17.43
N THR A 106 -7.40 -1.42 -17.06
CA THR A 106 -6.46 -0.80 -16.10
C THR A 106 -6.54 -1.48 -14.74
N VAL A 107 -7.75 -1.81 -14.26
CA VAL A 107 -7.88 -2.57 -13.01
C VAL A 107 -7.04 -3.89 -13.02
N LEU A 108 -7.21 -4.60 -14.12
CA LEU A 108 -6.50 -5.89 -14.25
C LEU A 108 -4.98 -5.74 -14.33
N LEU A 109 -4.53 -4.73 -15.09
CA LEU A 109 -3.10 -4.50 -15.19
C LEU A 109 -2.52 -4.15 -13.80
N LEU A 110 -3.23 -3.32 -13.07
CA LEU A 110 -2.81 -2.93 -11.70
C LEU A 110 -2.85 -4.13 -10.78
N ALA A 111 -3.91 -4.95 -10.84
CA ALA A 111 -4.03 -6.07 -9.96
C ALA A 111 -2.81 -7.02 -10.06
N ASP A 112 -2.37 -7.26 -11.31
CA ASP A 112 -1.28 -8.21 -11.54
C ASP A 112 -0.03 -7.79 -10.78
N GLN A 113 0.33 -6.50 -10.93
CA GLN A 113 1.53 -6.01 -10.23
C GLN A 113 1.34 -5.93 -8.75
N MET A 114 0.16 -5.45 -8.31
CA MET A 114 -0.09 -5.29 -6.88
C MET A 114 0.02 -6.62 -6.11
N ILE A 115 -0.52 -7.69 -6.71
CA ILE A 115 -0.39 -9.01 -6.05
C ILE A 115 1.11 -9.40 -5.92
N SER A 116 1.87 -9.14 -6.97
CA SER A 116 3.34 -9.41 -6.99
C SER A 116 4.10 -8.59 -5.95
N ARG A 117 3.71 -7.33 -5.79
CA ARG A 117 4.39 -6.49 -4.74
C ARG A 117 4.15 -7.03 -3.34
N ILE A 118 2.88 -7.38 -3.08
CA ILE A 118 2.53 -7.94 -1.82
C ILE A 118 3.30 -9.27 -1.56
N GLU A 119 3.33 -10.11 -2.60
CA GLU A 119 4.03 -11.42 -2.48
C GLU A 119 5.51 -11.18 -2.07
N TYR A 120 6.14 -10.18 -2.71
CA TYR A 120 7.53 -9.84 -2.44
C TYR A 120 7.73 -9.50 -0.97
N ILE A 121 6.89 -8.60 -0.47
CA ILE A 121 6.95 -8.28 0.98
C ILE A 121 6.85 -9.50 1.89
N HIS A 122 5.90 -10.38 1.54
CA HIS A 122 5.74 -11.59 2.29
C HIS A 122 6.98 -12.51 2.22
N SER A 123 7.61 -12.50 1.07
CA SER A 123 8.83 -13.31 0.88
C SER A 123 9.93 -12.86 1.81
N LYS A 124 9.89 -11.58 2.18
CA LYS A 124 10.86 -10.99 3.14
C LYS A 124 10.39 -10.94 4.57
N ASN A 125 9.38 -11.76 4.93
CA ASN A 125 8.98 -12.08 6.31
C ASN A 125 8.02 -11.11 7.04
N PHE A 126 7.51 -10.13 6.23
CA PHE A 126 6.63 -9.07 6.74
C PHE A 126 5.25 -9.12 6.10
N ILE A 127 4.30 -8.63 6.91
CA ILE A 127 2.92 -8.28 6.50
C ILE A 127 2.94 -6.71 6.40
N HIS A 128 2.40 -6.15 5.31
CA HIS A 128 2.39 -4.70 5.10
C HIS A 128 1.45 -3.97 6.04
N ARG A 129 0.22 -4.47 6.21
CA ARG A 129 -0.77 -3.97 7.17
C ARG A 129 -1.35 -2.60 6.90
N ASP A 130 -1.09 -2.02 5.72
CA ASP A 130 -1.81 -0.79 5.32
C ASP A 130 -1.94 -0.68 3.79
N VAL A 131 -2.52 -1.71 3.22
CA VAL A 131 -2.72 -1.81 1.81
C VAL A 131 -3.87 -0.84 1.45
N LYS A 132 -3.56 0.15 0.63
CA LYS A 132 -4.51 1.20 0.27
C LYS A 132 -3.98 1.91 -1.01
N PRO A 133 -4.83 2.56 -1.80
CA PRO A 133 -4.35 3.19 -3.04
C PRO A 133 -3.24 4.20 -2.87
N ASP A 134 -3.25 4.95 -1.76
CA ASP A 134 -2.23 5.95 -1.50
C ASP A 134 -0.83 5.36 -1.35
N ASN A 135 -0.71 4.04 -1.06
CA ASN A 135 0.58 3.39 -0.83
C ASN A 135 1.15 2.65 -2.01
N PHE A 136 0.55 2.89 -3.17
CA PHE A 136 1.07 2.40 -4.44
C PHE A 136 1.29 3.61 -5.36
N LEU A 137 2.49 3.73 -5.89
CA LEU A 137 2.93 4.84 -6.73
C LEU A 137 3.47 4.32 -8.04
N MET A 138 3.21 5.04 -9.12
CA MET A 138 3.88 4.66 -10.38
C MET A 138 5.33 5.14 -10.42
N GLY A 139 6.17 4.47 -11.20
CA GLY A 139 7.54 4.98 -11.37
C GLY A 139 7.66 6.15 -12.33
N LEU A 140 8.91 6.56 -12.57
CA LEU A 140 9.25 7.69 -13.45
C LEU A 140 9.95 7.19 -14.68
N GLY A 141 9.86 8.01 -15.74
CA GLY A 141 10.62 7.75 -16.98
C GLY A 141 10.31 6.40 -17.60
N LYS A 142 11.36 5.61 -17.83
CA LYS A 142 11.21 4.28 -18.41
C LYS A 142 10.47 3.30 -17.47
N LYS A 143 10.34 3.65 -16.18
CA LYS A 143 9.60 2.82 -15.19
C LYS A 143 8.20 3.38 -14.89
N GLY A 144 7.72 4.24 -15.77
CA GLY A 144 6.40 4.81 -15.65
C GLY A 144 5.27 3.77 -15.66
N ASN A 145 5.55 2.59 -16.21
CA ASN A 145 4.63 1.43 -16.27
CA ASN A 145 4.51 1.56 -16.20
C ASN A 145 4.70 0.52 -15.02
N LEU A 146 5.63 0.81 -14.10
CA LEU A 146 5.86 -0.04 -12.91
C LEU A 146 5.16 0.52 -11.68
N VAL A 147 4.41 -0.35 -11.01
CA VAL A 147 3.77 0.00 -9.73
C VAL A 147 4.77 -0.31 -8.62
N TYR A 148 4.99 0.68 -7.75
CA TYR A 148 5.76 0.55 -6.57
C TYR A 148 4.84 0.49 -5.34
N ILE A 149 5.27 -0.20 -4.29
CA ILE A 149 4.62 -0.18 -2.97
C ILE A 149 5.50 0.59 -2.01
N ILE A 150 4.87 1.43 -1.18
CA ILE A 150 5.55 2.18 -0.16
C ILE A 150 4.90 2.04 1.24
N ASP A 151 5.66 2.51 2.22
CA ASP A 151 5.31 2.75 3.61
C ASP A 151 5.36 1.47 4.42
N PHE A 152 6.43 1.32 5.19
CA PHE A 152 6.62 0.16 6.05
C PHE A 152 6.43 0.49 7.55
N GLY A 153 5.78 1.63 7.83
CA GLY A 153 5.65 2.08 9.20
C GLY A 153 4.69 1.20 10.05
N LEU A 154 3.76 0.50 9.39
CA LEU A 154 2.87 -0.43 10.09
C LEU A 154 3.23 -1.88 9.82
N ALA A 155 4.27 -2.14 9.07
CA ALA A 155 4.67 -3.51 8.69
C ALA A 155 5.17 -4.29 9.89
N LYS A 156 4.82 -5.59 9.97
CA LYS A 156 5.20 -6.43 11.13
C LYS A 156 5.57 -7.82 10.65
N LYS A 157 6.53 -8.43 11.34
CA LYS A 157 7.08 -9.72 10.97
C LYS A 157 6.05 -10.82 11.28
N TYR A 158 5.83 -11.71 10.31
CA TYR A 158 4.92 -12.86 10.49
C TYR A 158 5.63 -14.21 10.60
N ARG A 159 6.92 -14.26 10.32
CA ARG A 159 7.70 -15.48 10.52
C ARG A 159 9.14 -15.12 10.83
N ASP A 160 9.80 -16.07 11.53
CA ASP A 160 11.14 -15.87 11.97
C ASP A 160 12.07 -15.86 10.77
N ALA A 161 13.03 -14.93 10.78
CA ALA A 161 13.88 -14.74 9.63
C ALA A 161 14.77 -15.96 9.31
N ARG A 162 15.14 -16.68 10.34
CA ARG A 162 15.98 -17.86 10.21
C ARG A 162 15.20 -19.14 10.02
N THR A 163 14.25 -19.41 10.90
CA THR A 163 13.54 -20.69 10.85
C THR A 163 12.34 -20.67 9.92
N HIS A 164 11.89 -19.47 9.51
CA HIS A 164 10.62 -19.32 8.80
C HIS A 164 9.42 -19.89 9.57
N GLN A 165 9.57 -20.09 10.87
CA GLN A 165 8.44 -20.47 11.73
C GLN A 165 7.40 -19.31 11.78
N HIS A 166 6.19 -19.61 11.40
CA HIS A 166 5.11 -18.65 11.41
C HIS A 166 4.77 -18.19 12.85
N ILE A 167 4.48 -16.91 13.02
CA ILE A 167 3.97 -16.45 14.31
C ILE A 167 2.71 -17.25 14.74
N PRO A 168 2.48 -17.35 16.08
CA PRO A 168 1.30 -18.05 16.55
C PRO A 168 0.04 -17.25 16.25
N TYR A 169 -1.06 -17.97 16.06
CA TYR A 169 -2.36 -17.33 16.03
C TYR A 169 -2.59 -16.58 17.34
N ARG A 170 -2.99 -15.32 17.28
CA ARG A 170 -3.13 -14.45 18.46
C ARG A 170 -3.98 -13.22 18.22
N GLU A 171 -4.36 -12.52 19.30
CA GLU A 171 -5.00 -11.23 19.19
C GLU A 171 -3.96 -10.19 18.79
N ASN A 172 -4.42 -9.16 18.09
CA ASN A 172 -3.54 -8.05 17.71
C ASN A 172 -3.21 -7.12 18.89
N LYS A 173 -1.95 -6.65 18.93
CA LYS A 173 -1.52 -5.60 19.89
C LYS A 173 -0.86 -4.43 19.15
N ASN A 174 -0.74 -4.55 17.83
CA ASN A 174 -0.06 -3.52 17.00
C ASN A 174 -1.04 -2.40 16.60
N LEU A 175 -0.52 -1.18 16.38
CA LEU A 175 -1.32 -0.11 15.80
C LEU A 175 -1.78 -0.60 14.44
N THR A 176 -2.93 -0.12 13.98
CA THR A 176 -3.50 -0.64 12.74
C THR A 176 -3.64 0.49 11.70
N GLY A 177 -3.82 0.11 10.44
CA GLY A 177 -4.02 1.06 9.33
C GLY A 177 -5.48 1.45 9.06
N THR A 178 -5.84 1.64 7.79
CA THR A 178 -7.11 2.31 7.48
C THR A 178 -8.23 1.36 7.77
N ALA A 179 -9.26 1.79 8.52
CA ALA A 179 -10.42 0.96 8.66
C ALA A 179 -11.01 0.64 7.28
N ARG A 180 -10.98 1.56 6.32
CA ARG A 180 -11.68 1.36 5.09
CA ARG A 180 -11.68 1.37 5.06
C ARG A 180 -11.31 0.06 4.35
N TYR A 181 -10.03 -0.22 4.32
CA TYR A 181 -9.54 -1.37 3.58
C TYR A 181 -9.16 -2.56 4.45
N ALA A 182 -9.37 -2.46 5.75
CA ALA A 182 -8.96 -3.49 6.70
C ALA A 182 -9.69 -4.80 6.41
N SER A 183 -9.00 -5.91 6.67
CA SER A 183 -9.65 -7.21 6.59
C SER A 183 -10.66 -7.37 7.70
N ILE A 184 -11.58 -8.32 7.49
CA ILE A 184 -12.56 -8.59 8.53
C ILE A 184 -11.83 -9.06 9.79
N ASN A 185 -10.79 -9.85 9.65
CA ASN A 185 -10.07 -10.30 10.85
C ASN A 185 -9.45 -9.18 11.64
N THR A 186 -9.00 -8.16 10.95
CA THR A 186 -8.47 -6.94 11.60
C THR A 186 -9.57 -6.26 12.42
N HIS A 187 -10.78 -6.17 11.86
CA HIS A 187 -11.91 -5.57 12.62
C HIS A 187 -12.23 -6.38 13.88
N LEU A 188 -11.94 -7.68 13.82
CA LEU A 188 -12.23 -8.61 14.93
C LEU A 188 -11.09 -8.56 15.96
N GLY A 189 -10.05 -7.73 15.70
CA GLY A 189 -8.94 -7.63 16.64
C GLY A 189 -7.93 -8.74 16.66
N ILE A 190 -7.81 -9.45 15.56
CA ILE A 190 -6.93 -10.58 15.35
C ILE A 190 -5.67 -10.13 14.59
N GLU A 191 -4.55 -10.75 14.93
CA GLU A 191 -3.28 -10.49 14.24
C GLU A 191 -3.41 -10.75 12.75
N GLN A 192 -2.87 -9.86 11.91
CA GLN A 192 -2.85 -10.00 10.47
C GLN A 192 -1.76 -10.93 10.04
N SER A 193 -2.05 -11.71 9.00
CA SER A 193 -1.12 -12.54 8.33
C SER A 193 -1.17 -12.35 6.78
N ARG A 194 -0.60 -13.25 6.00
CA ARG A 194 -0.47 -13.03 4.58
C ARG A 194 -1.84 -12.85 3.95
N ARG A 195 -2.83 -13.61 4.40
CA ARG A 195 -4.17 -13.53 3.83
C ARG A 195 -4.79 -12.16 3.97
N ASP A 196 -4.48 -11.45 5.05
CA ASP A 196 -5.12 -10.16 5.34
C ASP A 196 -4.66 -9.09 4.35
N ASP A 197 -3.38 -9.05 4.04
CA ASP A 197 -2.92 -8.09 3.01
C ASP A 197 -3.65 -8.30 1.69
N LEU A 198 -3.82 -9.61 1.33
CA LEU A 198 -4.48 -9.93 0.05
C LEU A 198 -5.97 -9.61 0.09
N GLU A 199 -6.58 -9.86 1.22
CA GLU A 199 -8.01 -9.42 1.38
C GLU A 199 -8.18 -7.92 1.23
N SER A 200 -7.30 -7.15 1.87
CA SER A 200 -7.33 -5.71 1.78
C SER A 200 -7.14 -5.27 0.28
N LEU A 201 -6.23 -5.89 -0.45
CA LEU A 201 -6.03 -5.57 -1.88
C LEU A 201 -7.36 -5.80 -2.63
N GLY A 202 -8.07 -6.89 -2.29
CA GLY A 202 -9.39 -7.16 -2.89
C GLY A 202 -10.36 -5.99 -2.74
N TYR A 203 -10.37 -5.40 -1.54
CA TYR A 203 -11.22 -4.21 -1.30
C TYR A 203 -10.72 -3.01 -2.13
N VAL A 204 -9.39 -2.82 -2.23
CA VAL A 204 -8.85 -1.78 -3.06
C VAL A 204 -9.30 -1.93 -4.52
N LEU A 205 -9.23 -3.17 -5.05
CA LEU A 205 -9.64 -3.39 -6.45
C LEU A 205 -11.13 -3.06 -6.66
N MET A 206 -11.94 -3.50 -5.69
CA MET A 206 -13.37 -3.15 -5.77
C MET A 206 -13.65 -1.66 -5.67
N TYR A 207 -12.89 -0.98 -4.82
CA TYR A 207 -12.94 0.49 -4.82
C TYR A 207 -12.62 1.10 -6.18
N PHE A 208 -11.58 0.60 -6.87
CA PHE A 208 -11.30 1.10 -8.21
C PHE A 208 -12.42 0.78 -9.20
N ASN A 209 -13.06 -0.39 -9.03
CA ASN A 209 -14.22 -0.73 -9.89
C ASN A 209 -15.43 0.15 -9.66
N LEU A 210 -15.74 0.41 -8.39
CA LEU A 210 -16.99 1.08 -8.06
C LEU A 210 -16.88 2.56 -7.98
N GLY A 211 -15.73 3.09 -7.57
CA GLY A 211 -15.58 4.49 -7.22
C GLY A 211 -15.72 4.88 -5.78
N SER A 212 -16.19 3.92 -5.00
CA SER A 212 -16.49 4.09 -3.57
C SER A 212 -16.61 2.68 -3.01
N LEU A 213 -16.73 2.54 -1.70
CA LEU A 213 -17.06 1.29 -1.10
C LEU A 213 -18.32 1.59 -0.30
N PRO A 214 -19.14 0.54 -0.04
CA PRO A 214 -20.45 0.81 0.53
C PRO A 214 -20.43 1.16 2.00
N TRP A 215 -19.28 1.04 2.63
CA TRP A 215 -19.04 1.40 4.01
C TRP A 215 -18.28 2.70 4.15
N GLN A 216 -18.23 3.48 3.09
CA GLN A 216 -17.63 4.80 3.15
C GLN A 216 -18.19 5.58 4.30
N GLY A 217 -17.34 6.34 4.92
CA GLY A 217 -17.77 7.10 6.07
C GLY A 217 -17.34 8.54 5.98
N LEU A 218 -17.46 9.16 7.12
CA LEU A 218 -17.25 10.58 7.33
C LEU A 218 -15.90 10.79 8.00
N LYS A 219 -15.08 11.72 7.48
CA LYS A 219 -13.76 12.02 8.11
C LYS A 219 -13.96 12.58 9.50
N ALA A 220 -15.04 13.36 9.68
CA ALA A 220 -15.35 13.93 10.98
C ALA A 220 -15.86 12.80 11.86
N ALA A 221 -14.93 11.96 12.25
CA ALA A 221 -15.23 10.81 13.14
C ALA A 221 -13.90 10.37 13.69
N THR A 222 -13.95 9.80 14.89
CA THR A 222 -12.76 9.29 15.51
C THR A 222 -12.42 7.97 14.86
N LYS A 223 -11.17 7.54 15.00
CA LYS A 223 -10.79 6.21 14.52
C LYS A 223 -11.72 5.15 15.13
N ARG A 224 -12.02 5.31 16.42
CA ARG A 224 -12.90 4.35 17.10
C ARG A 224 -14.25 4.29 16.40
N GLN A 225 -14.85 5.45 16.16
CA GLN A 225 -16.13 5.53 15.45
C GLN A 225 -16.07 4.90 14.04
N LYS A 226 -14.97 5.13 13.32
CA LYS A 226 -14.81 4.61 11.97
C LYS A 226 -14.71 3.09 11.96
N TYR A 227 -13.90 2.54 12.87
CA TYR A 227 -13.81 1.09 12.96
C TYR A 227 -15.14 0.47 13.26
N GLU A 228 -15.87 1.05 14.19
CA GLU A 228 -17.15 0.49 14.59
C GLU A 228 -18.20 0.55 13.46
N ARG A 229 -18.32 1.69 12.80
CA ARG A 229 -19.31 1.84 11.70
C ARG A 229 -18.93 1.01 10.45
N ILE A 230 -17.65 1.01 10.13
CA ILE A 230 -17.20 0.21 9.00
C ILE A 230 -17.25 -1.28 9.31
N SER A 231 -16.87 -1.70 10.52
CA SER A 231 -16.94 -3.14 10.89
C SER A 231 -18.34 -3.67 10.69
N GLU A 232 -19.31 -2.90 11.18
CA GLU A 232 -20.70 -3.36 11.19
C GLU A 232 -21.22 -3.54 9.74
N LYS A 233 -20.91 -2.57 8.87
CA LYS A 233 -21.33 -2.63 7.47
C LYS A 233 -20.59 -3.66 6.63
N LYS A 234 -19.28 -3.66 6.75
CA LYS A 234 -18.47 -4.60 6.04
C LYS A 234 -18.87 -6.00 6.44
N MET A 235 -19.19 -6.18 7.75
CA MET A 235 -19.56 -7.51 8.23
C MET A 235 -20.93 -7.98 7.80
N SER A 236 -21.79 -7.07 7.40
CA SER A 236 -23.13 -7.41 6.96
C SER A 236 -23.30 -7.29 5.45
N THR A 237 -22.19 -7.13 4.70
CA THR A 237 -22.26 -7.02 3.27
C THR A 237 -21.53 -8.24 2.64
N PRO A 238 -22.29 -9.20 2.10
CA PRO A 238 -21.62 -10.32 1.46
C PRO A 238 -20.76 -9.89 0.30
N ILE A 239 -19.73 -10.67 0.07
CA ILE A 239 -18.88 -10.48 -1.10
C ILE A 239 -19.72 -10.41 -2.39
N GLU A 240 -20.76 -11.24 -2.48
CA GLU A 240 -21.52 -11.31 -3.72
C GLU A 240 -22.35 -10.06 -3.95
N VAL A 241 -22.67 -9.37 -2.84
CA VAL A 241 -23.36 -8.09 -2.87
C VAL A 241 -22.38 -6.95 -3.25
N LEU A 242 -21.24 -6.90 -2.55
CA LEU A 242 -20.18 -5.96 -2.89
C LEU A 242 -19.83 -5.98 -4.38
N CYS A 243 -19.69 -7.21 -4.91
CA CYS A 243 -19.10 -7.40 -6.25
C CYS A 243 -20.14 -7.57 -7.34
N LYS A 244 -21.41 -7.38 -7.03
CA LYS A 244 -22.45 -7.51 -8.05
C LYS A 244 -22.24 -6.60 -9.24
N GLY A 245 -22.40 -7.17 -10.45
CA GLY A 245 -22.23 -6.44 -11.68
C GLY A 245 -20.83 -6.35 -12.23
N TYR A 246 -19.89 -6.94 -11.50
CA TYR A 246 -18.53 -7.02 -11.97
C TYR A 246 -18.14 -8.44 -12.35
N PRO A 247 -17.06 -8.61 -13.17
CA PRO A 247 -16.60 -9.95 -13.49
C PRO A 247 -16.44 -10.82 -12.23
N SER A 248 -16.85 -12.09 -12.29
CA SER A 248 -16.92 -13.02 -11.14
C SER A 248 -15.53 -13.14 -10.47
N GLU A 249 -14.45 -12.91 -11.22
CA GLU A 249 -13.08 -13.04 -10.66
C GLU A 249 -12.86 -12.18 -9.40
N PHE A 250 -13.54 -11.02 -9.29
CA PHE A 250 -13.35 -10.18 -8.12
C PHE A 250 -13.88 -10.89 -6.88
N ALA A 251 -15.07 -11.48 -6.98
CA ALA A 251 -15.66 -12.25 -5.87
C ALA A 251 -14.85 -13.54 -5.60
N THR A 252 -14.40 -14.21 -6.66
CA THR A 252 -13.58 -15.44 -6.50
C THR A 252 -12.29 -15.10 -5.75
N TYR A 253 -11.65 -13.99 -6.13
CA TYR A 253 -10.49 -13.49 -5.39
C TYR A 253 -10.80 -13.26 -3.91
N LEU A 254 -11.87 -12.50 -3.61
CA LEU A 254 -12.11 -12.18 -2.23
C LEU A 254 -12.46 -13.40 -1.38
N ASN A 255 -13.28 -14.31 -1.95
CA ASN A 255 -13.63 -15.50 -1.22
C ASN A 255 -12.42 -16.39 -0.96
N PHE A 256 -11.50 -16.43 -1.92
CA PHE A 256 -10.25 -17.24 -1.77
C PHE A 256 -9.46 -16.67 -0.60
N CYS A 257 -9.32 -15.32 -0.56
CA CYS A 257 -8.52 -14.73 0.51
C CYS A 257 -9.14 -14.91 1.88
N ARG A 258 -10.47 -14.86 1.95
CA ARG A 258 -11.12 -15.02 3.23
C ARG A 258 -11.13 -16.46 3.70
N SER A 259 -10.90 -17.40 2.81
CA SER A 259 -10.93 -18.83 3.17
CA SER A 259 -10.94 -18.83 3.18
C SER A 259 -9.54 -19.39 3.48
N LEU A 260 -8.51 -18.55 3.36
CA LEU A 260 -7.16 -18.97 3.75
C LEU A 260 -7.07 -19.14 5.28
N ARG A 261 -6.28 -20.15 5.68
CA ARG A 261 -5.93 -20.33 7.06
C ARG A 261 -4.89 -19.28 7.44
N PHE A 262 -4.86 -19.02 8.71
CA PHE A 262 -3.99 -17.96 9.24
C PHE A 262 -2.55 -18.15 8.83
N ASP A 263 -2.04 -19.38 8.87
CA ASP A 263 -0.67 -19.64 8.44
C ASP A 263 -0.47 -20.19 7.02
N ASP A 264 -1.55 -20.27 6.21
CA ASP A 264 -1.40 -20.70 4.80
C ASP A 264 -0.48 -19.77 4.00
N LYS A 265 0.32 -20.36 3.13
CA LYS A 265 0.97 -19.67 2.07
C LYS A 265 -0.06 -19.48 0.98
N PRO A 266 -0.41 -18.21 0.72
CA PRO A 266 -1.32 -18.02 -0.41
C PRO A 266 -0.81 -18.50 -1.76
N ASP A 267 -1.72 -18.96 -2.63
CA ASP A 267 -1.38 -19.29 -4.01
C ASP A 267 -1.45 -18.02 -4.87
N TYR A 268 -0.40 -17.21 -4.77
CA TYR A 268 -0.34 -15.95 -5.49
C TYR A 268 -0.52 -16.10 -7.00
N SER A 269 0.07 -17.15 -7.57
CA SER A 269 -0.04 -17.33 -9.00
CA SER A 269 -0.02 -17.38 -8.99
C SER A 269 -1.44 -17.66 -9.45
N TYR A 270 -2.19 -18.41 -8.62
CA TYR A 270 -3.59 -18.68 -8.91
C TYR A 270 -4.39 -17.37 -8.91
N LEU A 271 -4.10 -16.49 -7.94
CA LEU A 271 -4.82 -15.19 -7.88
C LEU A 271 -4.49 -14.33 -9.09
N ARG A 272 -3.20 -14.28 -9.47
CA ARG A 272 -2.84 -13.55 -10.69
C ARG A 272 -3.55 -14.14 -11.95
N GLN A 273 -3.58 -15.48 -12.00
CA GLN A 273 -4.11 -16.16 -13.16
C GLN A 273 -5.58 -15.90 -13.37
N LEU A 274 -6.34 -15.72 -12.28
CA LEU A 274 -7.75 -15.31 -12.34
C LEU A 274 -7.90 -14.12 -13.25
N PHE A 275 -7.13 -13.07 -12.92
CA PHE A 275 -7.21 -11.83 -13.63
C PHE A 275 -6.59 -11.84 -15.04
N ARG A 276 -5.49 -12.60 -15.18
CA ARG A 276 -4.86 -12.69 -16.47
C ARG A 276 -5.74 -13.48 -17.48
N ASN A 277 -6.41 -14.49 -16.98
CA ASN A 277 -7.35 -15.24 -17.85
C ASN A 277 -8.49 -14.36 -18.36
N LEU A 278 -9.01 -13.54 -17.47
CA LEU A 278 -10.06 -12.61 -17.79
C LEU A 278 -9.55 -11.59 -18.82
N PHE A 279 -8.33 -11.12 -18.59
CA PHE A 279 -7.75 -10.12 -19.46
C PHE A 279 -7.74 -10.63 -20.94
N HIS A 280 -7.31 -11.88 -21.11
CA HIS A 280 -7.24 -12.46 -22.43
C HIS A 280 -8.61 -12.80 -23.04
N ARG A 281 -9.57 -13.21 -22.23
CA ARG A 281 -10.92 -13.47 -22.76
C ARG A 281 -11.56 -12.17 -23.24
N GLN A 282 -11.21 -11.06 -22.59
CA GLN A 282 -11.67 -9.74 -22.95
C GLN A 282 -11.07 -9.24 -24.24
N GLY A 283 -9.98 -9.89 -24.69
CA GLY A 283 -9.31 -9.40 -25.84
C GLY A 283 -8.41 -8.20 -25.64
N PHE A 284 -8.03 -7.96 -24.38
CA PHE A 284 -7.20 -6.83 -24.07
C PHE A 284 -5.75 -7.15 -24.49
N SER A 285 -5.03 -6.08 -24.72
CA SER A 285 -3.63 -6.11 -25.09
CA SER A 285 -3.61 -6.20 -25.06
C SER A 285 -2.75 -5.75 -23.90
N TYR A 286 -1.76 -6.59 -23.58
CA TYR A 286 -0.83 -6.30 -22.47
C TYR A 286 0.23 -5.32 -22.92
N ASP A 287 -0.15 -4.04 -22.98
CA ASP A 287 0.63 -3.00 -23.65
C ASP A 287 1.01 -1.81 -22.81
N TYR A 288 0.77 -1.89 -21.49
CA TYR A 288 1.23 -0.88 -20.53
C TYR A 288 0.50 0.42 -20.73
N VAL A 289 -0.65 0.40 -21.41
CA VAL A 289 -1.42 1.60 -21.65
C VAL A 289 -2.55 1.71 -20.62
N PHE A 290 -2.28 2.48 -19.57
CA PHE A 290 -3.24 2.69 -18.48
C PHE A 290 -4.20 3.84 -18.85
N ASP A 291 -5.33 3.95 -18.15
CA ASP A 291 -6.33 5.02 -18.44
C ASP A 291 -5.71 6.42 -18.48
N TRP A 292 -4.82 6.70 -17.53
CA TRP A 292 -4.27 8.05 -17.40
C TRP A 292 -3.29 8.40 -18.54
N ASN A 293 -2.83 7.40 -19.26
CA ASN A 293 -1.94 7.57 -20.43
C ASN A 293 -2.70 8.06 -21.65
N MET A 294 -4.02 7.90 -21.60
CA MET A 294 -4.91 8.39 -22.64
CA MET A 294 -4.94 8.37 -22.62
C MET A 294 -5.44 9.78 -22.26
N LEU A 295 -4.95 10.32 -21.14
CA LEU A 295 -5.23 11.70 -20.76
C LEU A 295 -3.96 12.54 -20.99
C1 EDO B . 5.95 -15.63 -0.73
O1 EDO B . 7.34 -16.00 -0.93
C2 EDO B . 5.78 -15.61 0.75
O2 EDO B . 4.53 -16.07 1.16
C1 EDO C . -6.80 -23.32 -5.14
O1 EDO C . -7.01 -22.89 -6.49
C2 EDO C . -5.31 -23.20 -4.80
O2 EDO C . -5.09 -23.17 -3.37
C4 K0E D . 2.58 14.48 -5.22
C4 K0E D . 2.58 14.48 -5.22
C5 K0E D . 1.56 15.25 -4.70
C5 K0E D . 1.54 15.25 -4.70
C6 K0E D . 4.01 13.03 -5.97
C6 K0E D . 3.99 13.04 -5.99
N1 K0E D . 2.79 13.13 -5.47
N1 K0E D . 2.79 13.13 -5.48
C7 K0E D . 4.55 11.67 -6.39
C7 K0E D . 4.53 11.69 -6.43
C8 K0E D . 5.77 10.84 -4.47
C8 K0E D . 5.75 10.89 -4.49
N2 K0E D . 5.79 11.33 -5.71
N2 K0E D . 5.77 11.36 -5.74
C9 K0E D . 4.66 10.56 -2.47
C9 K0E D . 4.64 10.64 -2.49
C10 K0E D . 6.68 9.68 -2.58
C10 K0E D . 6.65 9.74 -2.62
C11 K0E D . 6.86 10.14 -3.89
C11 K0E D . 6.83 10.20 -3.92
C12 K0E D . 8.59 8.97 -3.43
C12 K0E D . 8.55 9.05 -3.46
N3 K0E D . 4.69 11.02 -3.74
N3 K0E D . 4.66 11.09 -3.75
C13 K0E D . 2.30 11.30 -2.51
C13 K0E D . 2.30 11.36 -2.49
C14 K0E D . 1.60 12.29 -1.62
C14 K0E D . 1.55 12.31 -1.59
C15 K0E D . 2.52 11.31 0.31
C15 K0E D . 2.53 11.33 0.33
N4 K0E D . 5.60 9.85 -1.82
N4 K0E D . 5.58 9.93 -1.84
C K0E D . 1.66 16.62 -4.60
C K0E D . 1.64 16.61 -4.58
C1 K0E D . 2.77 17.29 -5.01
C1 K0E D . 2.76 17.29 -4.98
C2 K0E D . 3.85 16.57 -5.51
C2 K0E D . 3.83 16.58 -5.49
C3 K0E D . 3.74 15.18 -5.60
C3 K0E D . 3.73 15.18 -5.60
N K0E D . 4.62 14.23 -6.07
N K0E D . 4.61 14.24 -6.08
N5 K0E D . 7.80 8.93 -2.27
N5 K0E D . 7.79 8.98 -2.34
N6 K0E D . 8.08 9.70 -4.40
N6 K0E D . 8.04 9.76 -4.43
N7 K0E D . 3.53 10.89 -1.76
N7 K0E D . 3.55 11.02 -1.74
O K0E D . 1.30 11.75 -0.37
O K0E D . 1.30 11.76 -0.33
C16 K0E D . 3.24 10.24 -0.46
C16 K0E D . 3.26 10.29 -0.48
C17 K0E D . 8.08 8.17 -1.03
C17 K0E D . 8.01 8.21 -1.28
F K0E D . 0.45 14.65 -4.24
F K0E D . 0.44 14.64 -4.24
F1 K0E D . 0.64 17.29 -4.01
F1 K0E D . 0.62 17.28 -3.99
C18 K0E D . 8.53 6.85 -1.09
C18 K0E D . 7.47 8.50 -0.05
C19 K0E D . 8.79 6.15 0.08
C19 K0E D . 7.74 7.69 1.05
C20 K0E D . 8.65 6.74 1.32
C20 K0E D . 8.55 6.58 0.91
C21 K0E D . 8.25 8.04 1.35
C21 K0E D . 9.08 6.34 -0.31
C22 K0E D . 7.96 8.79 0.22
C22 K0E D . 8.86 7.11 -1.42
F2 K0E D . 8.14 8.63 2.54
F2 K0E D . 9.85 5.27 -0.49
#